data_7QUV
#
_entry.id   7QUV
#
_cell.length_a   50.789
_cell.length_b   50.789
_cell.length_c   148.752
_cell.angle_alpha   90.000
_cell.angle_beta   90.000
_cell.angle_gamma   120.000
#
_symmetry.space_group_name_H-M   'P 32 2 1'
#
loop_
_entity.id
_entity.type
_entity.pdbx_description
1 polymer 'Protein S100-A9'
2 polymer 'Protein S100-A8'
3 polymer 'Peptide 3'
4 non-polymer 'CALCIUM ION'
5 non-polymer 'NICKEL (II) ION'
6 non-polymer 'TRIETHYLENE GLYCOL'
7 non-polymer GLYCEROL
8 non-polymer 'SODIUM ION'
9 non-polymer 'POTASSIUM ION'
10 non-polymer 1,2-ETHANEDIOL
11 non-polymer '4-methanoyl-2-(6-oxidanyl-3-oxidanylidene-4~{H}-xanthen-9-yl)benzoic acid'
12 non-polymer 'AMINO GROUP'
13 water water
#
loop_
_entity_poly.entity_id
_entity_poly.type
_entity_poly.pdbx_seq_one_letter_code
_entity_poly.pdbx_strand_id
1 'polypeptide(L)'
;GPMTSKMSQLERNIETIINTFHQYSVKLGHPDTLNQGEFKELVRKDLQNFLKKENKNEKVIEHIMEDLDTNADKQLSFEE
FIMLMARLTWASHEKMHEGDEGPGHHHKPGLGEGTPLEVLFQ
;
B
2 'polypeptide(L)'
;GPMLTELEKALNSIIDVYHKYSLIKGNFHAVYRDDLKKLLETESPQYIRKKGADVWFKELDINTDGAVNFQEFLILVIKM
GVAAHKKSHEESHKE
;
A
3 'polypeptide(L)' RSPESVAFPMFQSHWYSG C
#
loop_
_chem_comp.id
_chem_comp.type
_chem_comp.name
_chem_comp.formula
CA non-polymer 'CALCIUM ION' 'Ca 2'
EDO non-polymer 1,2-ETHANEDIOL 'C2 H6 O2'
F3U non-polymer '4-methanoyl-2-(6-oxidanyl-3-oxidanylidene-4~{H}-xanthen-9-yl)benzoic acid' 'C21 H12 O6'
GOL non-polymer GLYCEROL 'C3 H8 O3'
K non-polymer 'POTASSIUM ION' 'K 1'
NA non-polymer 'SODIUM ION' 'Na 1'
NH2 non-polymer 'AMINO GROUP' 'H2 N'
NI non-polymer 'NICKEL (II) ION' 'Ni 2'
PGE non-polymer 'TRIETHYLENE GLYCOL' 'C6 H14 O4'
#
# COMPACT_ATOMS: atom_id res chain seq x y z
N MET A 7 5.48 -17.42 -2.47
CA MET A 7 5.21 -16.06 -2.04
C MET A 7 6.36 -15.10 -2.36
N SER A 8 6.06 -14.04 -3.10
CA SER A 8 7.10 -13.11 -3.49
C SER A 8 7.30 -12.03 -2.43
N GLN A 9 8.34 -11.20 -2.62
CA GLN A 9 8.57 -10.10 -1.70
C GLN A 9 7.35 -9.18 -1.64
N LEU A 10 6.82 -8.80 -2.82
CA LEU A 10 5.63 -7.96 -2.86
C LEU A 10 4.43 -8.63 -2.21
N GLU A 11 4.20 -9.91 -2.50
CA GLU A 11 3.06 -10.59 -1.89
C GLU A 11 3.19 -10.63 -0.37
N ARG A 12 4.41 -10.87 0.12
CA ARG A 12 4.65 -10.87 1.56
C ARG A 12 4.32 -9.51 2.17
N ASN A 13 4.80 -8.43 1.54
CA ASN A 13 4.48 -7.07 1.98
C ASN A 13 2.98 -6.83 1.98
N ILE A 14 2.30 -7.27 0.92
CA ILE A 14 0.84 -7.18 0.89
C ILE A 14 0.25 -7.97 2.05
N GLU A 15 0.77 -9.17 2.30
CA GLU A 15 0.30 -9.97 3.43
C GLU A 15 0.43 -9.21 4.75
N THR A 16 1.52 -8.47 4.91
CA THR A 16 1.75 -7.76 6.17
C THR A 16 0.78 -6.61 6.35
N ILE A 17 0.40 -5.94 5.26
CA ILE A 17 -0.59 -4.86 5.35
C ILE A 17 -1.95 -5.42 5.77
N ILE A 18 -2.35 -6.53 5.14
CA ILE A 18 -3.62 -7.19 5.45
C ILE A 18 -3.62 -7.74 6.88
N ASN A 19 -2.53 -8.40 7.27
CA ASN A 19 -2.49 -8.94 8.64
C ASN A 19 -2.53 -7.82 9.68
N THR A 20 -1.86 -6.72 9.41
CA THR A 20 -1.85 -5.62 10.37
C THR A 20 -3.23 -4.98 10.46
N PHE A 21 -3.89 -4.76 9.32
CA PHE A 21 -5.26 -4.24 9.34
C PHE A 21 -6.17 -5.14 10.18
N HIS A 22 -6.11 -6.47 9.94
CA HIS A 22 -6.94 -7.44 10.65
C HIS A 22 -6.66 -7.50 12.14
N GLN A 23 -5.42 -7.22 12.55
CA GLN A 23 -5.10 -7.21 13.97
C GLN A 23 -5.97 -6.21 14.73
N TYR A 24 -6.19 -5.03 14.16
CA TYR A 24 -6.98 -4.02 14.84
C TYR A 24 -8.45 -3.99 14.40
N SER A 25 -8.78 -4.48 13.19
CA SER A 25 -10.18 -4.36 12.74
C SER A 25 -11.10 -5.29 13.55
N VAL A 26 -10.59 -6.43 14.01
CA VAL A 26 -11.42 -7.42 14.69
C VAL A 26 -11.77 -7.05 16.13
N LYS A 27 -11.16 -6.01 16.69
CA LYS A 27 -11.24 -5.83 18.13
C LYS A 27 -12.63 -5.39 18.57
N LEU A 28 -13.24 -4.45 17.84
CA LEU A 28 -14.54 -3.89 18.22
C LEU A 28 -15.42 -3.73 16.99
N GLY A 29 -16.73 -3.63 17.22
CA GLY A 29 -17.66 -3.33 16.13
C GLY A 29 -17.50 -4.27 14.96
N HIS A 30 -17.55 -3.72 13.75
CA HIS A 30 -17.38 -4.57 12.58
C HIS A 30 -15.97 -5.16 12.61
N PRO A 31 -15.83 -6.48 12.43
CA PRO A 31 -14.52 -7.10 12.54
C PRO A 31 -13.65 -6.86 11.33
N ASP A 32 -14.23 -6.47 10.20
CA ASP A 32 -13.50 -6.20 8.97
C ASP A 32 -13.28 -4.71 8.71
N THR A 33 -13.57 -3.84 9.68
CA THR A 33 -13.32 -2.42 9.53
C THR A 33 -12.65 -1.87 10.79
N LEU A 34 -12.02 -0.72 10.61
CA LEU A 34 -11.34 0.01 11.67
C LEU A 34 -12.22 1.17 12.09
N ASN A 35 -12.60 1.21 13.36
CA ASN A 35 -13.27 2.40 13.86
C ASN A 35 -12.21 3.36 14.39
N GLN A 36 -12.65 4.53 14.86
CA GLN A 36 -11.72 5.57 15.27
C GLN A 36 -10.72 5.03 16.28
N GLY A 37 -11.18 4.27 17.28
CA GLY A 37 -10.29 3.80 18.31
C GLY A 37 -9.31 2.75 17.80
N GLU A 38 -9.77 1.85 16.93
CA GLU A 38 -8.89 0.84 16.36
C GLU A 38 -7.87 1.48 15.45
N PHE A 39 -8.28 2.49 14.69
CA PHE A 39 -7.34 3.18 13.82
C PHE A 39 -6.28 3.93 14.62
N LYS A 40 -6.69 4.57 15.72
CA LYS A 40 -5.72 5.24 16.56
C LYS A 40 -4.68 4.25 17.09
N GLU A 41 -5.11 3.04 17.43
CA GLU A 41 -4.22 2.03 17.96
C GLU A 41 -3.25 1.52 16.90
N LEU A 42 -3.78 1.10 15.74
CA LEU A 42 -2.90 0.74 14.63
C LEU A 42 -1.86 1.82 14.39
N VAL A 43 -2.29 3.09 14.39
CA VAL A 43 -1.37 4.16 13.98
C VAL A 43 -0.33 4.40 15.07
N ARG A 44 -0.77 4.42 16.33
CA ARG A 44 0.13 4.60 17.47
C ARG A 44 1.23 3.57 17.51
N LYS A 45 0.91 2.31 17.20
CA LYS A 45 1.86 1.22 17.33
C LYS A 45 2.61 0.97 16.02
N ASP A 46 1.88 0.67 14.94
CA ASP A 46 2.50 0.13 13.74
C ASP A 46 2.86 1.20 12.72
N LEU A 47 2.44 2.44 12.90
CA LEU A 47 3.00 3.56 12.15
C LEU A 47 3.69 4.54 13.09
N GLN A 48 4.30 3.99 14.15
CA GLN A 48 4.85 4.84 15.19
C GLN A 48 6.04 5.66 14.67
N ASN A 49 6.77 5.15 13.69
CA ASN A 49 7.84 5.96 13.10
C ASN A 49 7.37 6.80 11.92
N PHE A 50 6.62 6.22 10.99
CA PHE A 50 6.21 6.98 9.80
C PHE A 50 5.32 8.14 10.17
N LEU A 51 4.53 7.99 11.22
CA LEU A 51 3.57 9.01 11.61
C LEU A 51 3.92 9.53 13.00
N LYS A 52 5.23 9.63 13.27
CA LYS A 52 5.70 10.07 14.59
C LYS A 52 5.12 11.42 14.98
N LYS A 53 5.22 12.39 14.07
CA LYS A 53 4.80 13.76 14.36
C LYS A 53 3.28 13.87 14.43
N GLU A 54 2.58 13.22 13.50
CA GLU A 54 1.13 13.24 13.52
C GLU A 54 0.58 12.59 14.78
N ASN A 55 1.24 11.52 15.27
CA ASN A 55 0.81 10.79 16.47
C ASN A 55 0.85 11.62 17.73
N LYS A 56 1.54 12.77 17.72
CA LYS A 56 1.56 13.63 18.89
C LYS A 56 0.32 14.51 18.99
N ASN A 57 -0.58 14.45 18.01
CA ASN A 57 -1.74 15.32 17.97
C ASN A 57 -2.93 14.46 17.60
N GLU A 58 -3.71 14.03 18.60
CA GLU A 58 -4.83 13.12 18.35
C GLU A 58 -5.80 13.69 17.34
N LYS A 59 -5.87 15.02 17.22
CA LYS A 59 -6.78 15.64 16.27
C LYS A 59 -6.26 15.52 14.84
N VAL A 60 -4.95 15.57 14.65
CA VAL A 60 -4.42 15.29 13.31
C VAL A 60 -4.80 13.88 12.89
N ILE A 61 -4.65 12.92 13.80
CA ILE A 61 -5.02 11.53 13.52
C ILE A 61 -6.50 11.42 13.17
N GLU A 62 -7.33 12.27 13.80
CA GLU A 62 -8.77 12.21 13.52
C GLU A 62 -9.09 12.77 12.14
N HIS A 63 -8.41 13.84 11.71
CA HIS A 63 -8.66 14.34 10.36
C HIS A 63 -8.20 13.34 9.30
N ILE A 64 -7.04 12.71 9.50
CA ILE A 64 -6.59 11.66 8.59
C ILE A 64 -7.65 10.59 8.43
N MET A 65 -8.17 10.05 9.54
CA MET A 65 -9.22 9.07 9.42
C MET A 65 -10.45 9.62 8.71
N GLU A 66 -10.87 10.86 9.05
CA GLU A 66 -12.00 11.46 8.37
C GLU A 66 -11.76 11.55 6.87
N ASP A 67 -10.50 11.82 6.50
CA ASP A 67 -10.20 11.99 5.07
C ASP A 67 -10.25 10.64 4.35
N LEU A 68 -9.71 9.58 4.97
CA LEU A 68 -9.71 8.25 4.37
C LEU A 68 -11.08 7.62 4.33
N ASP A 69 -12.02 8.08 5.16
CA ASP A 69 -13.34 7.48 5.29
C ASP A 69 -14.23 8.01 4.17
N THR A 70 -13.96 7.53 2.95
CA THR A 70 -14.54 8.09 1.74
C THR A 70 -16.06 7.93 1.65
N ASN A 71 -16.66 6.93 2.32
CA ASN A 71 -18.11 6.85 2.28
C ASN A 71 -18.76 7.43 3.53
N ALA A 72 -17.98 8.01 4.43
CA ALA A 72 -18.47 8.80 5.56
C ALA A 72 -19.30 7.95 6.52
N ASP A 73 -18.98 6.66 6.65
CA ASP A 73 -19.68 5.78 7.59
C ASP A 73 -18.91 5.57 8.89
N LYS A 74 -17.87 6.38 9.14
CA LYS A 74 -17.10 6.44 10.38
C LYS A 74 -16.32 5.17 10.69
N GLN A 75 -16.09 4.30 9.71
CA GLN A 75 -15.12 3.23 9.82
C GLN A 75 -14.25 3.22 8.55
N LEU A 76 -13.04 2.68 8.67
CA LEU A 76 -12.21 2.44 7.49
C LEU A 76 -12.37 1.00 7.05
N SER A 77 -12.89 0.81 5.84
CA SER A 77 -12.79 -0.48 5.19
C SER A 77 -11.33 -0.76 4.81
N PHE A 78 -11.06 -1.99 4.38
CA PHE A 78 -9.72 -2.23 3.88
C PHE A 78 -9.46 -1.41 2.62
N GLU A 79 -10.50 -1.21 1.78
CA GLU A 79 -10.33 -0.44 0.54
C GLU A 79 -9.92 1.00 0.82
N GLU A 80 -10.50 1.60 1.86
CA GLU A 80 -10.13 2.94 2.30
C GLU A 80 -8.75 2.97 2.91
N PHE A 81 -8.42 1.97 3.71
CA PHE A 81 -7.14 1.94 4.43
C PHE A 81 -5.94 1.86 3.48
N ILE A 82 -6.02 1.02 2.43
N ILE A 82 -6.01 1.04 2.43
CA ILE A 82 -4.85 0.82 1.57
CA ILE A 82 -4.87 0.86 1.55
C ILE A 82 -4.39 2.14 0.95
C ILE A 82 -4.50 2.15 0.81
N MET A 83 -5.30 3.11 0.81
N MET A 83 -5.39 3.15 0.80
CA MET A 83 -4.91 4.41 0.27
CA MET A 83 -4.99 4.47 0.30
C MET A 83 -3.96 5.14 1.21
C MET A 83 -3.96 5.12 1.19
N LEU A 84 -4.05 4.88 2.51
CA LEU A 84 -3.08 5.47 3.45
C LEU A 84 -1.74 4.78 3.33
N MET A 85 -1.77 3.47 3.06
CA MET A 85 -0.53 2.74 2.85
C MET A 85 0.19 3.23 1.59
N ALA A 86 -0.57 3.50 0.53
CA ALA A 86 0.01 3.98 -0.74
C ALA A 86 0.61 5.37 -0.59
N ARG A 87 -0.10 6.25 0.13
CA ARG A 87 0.39 7.59 0.42
C ARG A 87 1.66 7.56 1.26
N LEU A 88 1.69 6.73 2.29
CA LEU A 88 2.89 6.69 3.13
C LEU A 88 4.06 6.09 2.38
N THR A 89 3.80 5.07 1.55
CA THR A 89 4.84 4.53 0.68
C THR A 89 5.33 5.59 -0.27
N TRP A 90 4.42 6.37 -0.82
CA TRP A 90 4.83 7.39 -1.77
C TRP A 90 5.62 8.48 -1.03
N ALA A 91 5.14 8.92 0.16
CA ALA A 91 5.86 9.93 0.95
C ALA A 91 7.21 9.43 1.47
N SER A 92 7.36 8.11 1.65
CA SER A 92 8.67 7.60 2.03
C SER A 92 9.64 7.70 0.86
N HIS A 93 9.20 7.30 -0.33
CA HIS A 93 10.07 7.39 -1.52
C HIS A 93 10.41 8.84 -1.81
N GLU A 94 9.46 9.76 -1.62
CA GLU A 94 9.74 11.17 -1.83
C GLU A 94 10.87 11.65 -0.93
N LYS A 95 10.84 11.27 0.35
CA LYS A 95 11.90 11.65 1.29
C LYS A 95 13.24 11.05 0.92
N MET A 96 13.24 9.86 0.33
CA MET A 96 14.49 9.29 -0.14
C MET A 96 15.11 10.15 -1.23
N HIS A 97 14.29 10.92 -1.94
CA HIS A 97 14.75 11.77 -3.04
C HIS A 97 14.64 13.26 -2.72
N GLU A 98 14.42 13.62 -1.46
CA GLU A 98 14.23 15.02 -1.10
C GLU A 98 15.50 15.82 -1.35
N GLY A 99 15.36 16.94 -2.06
CA GLY A 99 16.52 17.77 -2.36
C GLY A 99 17.52 17.11 -3.28
N ASP A 100 17.11 16.08 -4.00
CA ASP A 100 18.03 15.38 -4.89
C ASP A 100 18.63 16.32 -5.92
N GLU A 101 19.93 16.20 -6.11
CA GLU A 101 20.64 16.96 -7.14
C GLU A 101 21.13 16.09 -8.27
N GLY A 102 20.99 14.77 -8.14
CA GLY A 102 21.50 13.86 -9.13
C GLY A 102 23.01 13.73 -9.01
N PRO A 103 23.65 13.20 -10.06
CA PRO A 103 22.95 12.59 -11.19
C PRO A 103 22.60 11.13 -10.93
N GLY A 104 21.84 10.52 -11.83
CA GLY A 104 21.50 9.13 -11.56
C GLY A 104 20.55 8.99 -10.37
N HIS A 105 20.48 7.75 -9.87
CA HIS A 105 19.53 7.35 -8.83
C HIS A 105 20.21 7.04 -7.51
N HIS A 106 19.74 7.68 -6.44
CA HIS A 106 20.17 7.30 -5.09
C HIS A 106 19.06 7.60 -4.08
N HIS A 107 18.97 6.77 -3.06
CA HIS A 107 17.98 6.88 -1.98
C HIS A 107 18.64 7.32 -0.69
N LYS A 108 18.21 8.44 -0.15
CA LYS A 108 18.45 8.80 1.24
C LYS A 108 17.54 7.95 2.14
N PRO A 109 17.69 8.05 3.47
CA PRO A 109 16.75 7.33 4.35
C PRO A 109 15.32 7.79 4.15
N GLY A 110 14.37 6.88 4.35
CA GLY A 110 12.98 7.17 4.10
C GLY A 110 12.28 7.81 5.29
N LEU A 111 10.96 7.65 5.32
CA LEU A 111 10.16 8.24 6.39
C LEU A 111 10.52 7.62 7.72
N GLY A 112 10.30 8.38 8.79
CA GLY A 112 10.54 7.89 10.14
C GLY A 112 11.99 7.56 10.44
N GLU A 113 12.92 8.19 9.74
CA GLU A 113 14.35 7.91 9.93
C GLU A 113 15.14 9.21 9.95
N PRO B 2 14.57 5.01 15.05
CA PRO B 2 14.52 3.72 15.75
C PRO B 2 14.32 2.59 14.78
N MET B 3 14.07 1.37 15.25
CA MET B 3 13.78 0.27 14.36
C MET B 3 12.36 0.43 13.83
N LEU B 4 12.18 0.14 12.55
CA LEU B 4 10.88 0.32 11.94
C LEU B 4 9.95 -0.84 12.32
N THR B 5 8.65 -0.54 12.37
CA THR B 5 7.70 -1.62 12.56
C THR B 5 7.65 -2.48 11.32
N GLU B 6 7.05 -3.66 11.46
CA GLU B 6 6.94 -4.56 10.32
C GLU B 6 6.08 -3.96 9.23
N LEU B 7 5.02 -3.22 9.61
CA LEU B 7 4.20 -2.52 8.63
C LEU B 7 5.00 -1.48 7.87
N GLU B 8 5.82 -0.68 8.59
CA GLU B 8 6.63 0.33 7.93
C GLU B 8 7.68 -0.29 7.02
N LYS B 9 8.35 -1.36 7.50
CA LYS B 9 9.27 -2.10 6.64
C LYS B 9 8.58 -2.63 5.41
N ALA B 10 7.32 -3.03 5.55
CA ALA B 10 6.56 -3.53 4.41
C ALA B 10 6.43 -2.45 3.35
N LEU B 11 6.08 -1.23 3.76
CA LEU B 11 5.90 -0.13 2.81
C LEU B 11 7.22 0.20 2.12
N ASN B 12 8.32 0.31 2.89
CA ASN B 12 9.63 0.57 2.28
C ASN B 12 10.02 -0.55 1.33
N SER B 13 9.67 -1.78 1.67
CA SER B 13 10.01 -2.91 0.80
C SER B 13 9.26 -2.83 -0.53
N ILE B 14 8.06 -2.25 -0.53
CA ILE B 14 7.34 -2.06 -1.78
C ILE B 14 8.14 -1.11 -2.69
N ILE B 15 8.71 -0.06 -2.10
CA ILE B 15 9.64 0.80 -2.82
C ILE B 15 10.77 -0.03 -3.40
N ASP B 16 11.37 -0.88 -2.55
CA ASP B 16 12.50 -1.70 -2.96
C ASP B 16 12.12 -2.61 -4.13
N VAL B 17 10.95 -3.24 -4.05
CA VAL B 17 10.49 -4.12 -5.13
C VAL B 17 10.45 -3.37 -6.45
N TYR B 18 9.75 -2.23 -6.50
CA TYR B 18 9.61 -1.48 -7.74
C TYR B 18 10.97 -1.19 -8.35
N HIS B 19 11.96 -0.86 -7.50
CA HIS B 19 13.25 -0.44 -8.02
C HIS B 19 14.08 -1.58 -8.57
N LYS B 20 13.80 -2.83 -8.16
CA LYS B 20 14.44 -3.96 -8.82
C LYS B 20 14.19 -3.97 -10.31
N TYR B 21 13.05 -3.44 -10.74
CA TYR B 21 12.68 -3.45 -12.14
C TYR B 21 12.90 -2.11 -12.82
N SER B 22 12.69 -1.02 -12.08
CA SER B 22 12.91 0.31 -12.63
C SER B 22 14.38 0.60 -12.86
N LEU B 23 15.28 -0.06 -12.13
CA LEU B 23 16.71 0.19 -12.27
C LEU B 23 17.39 -0.76 -13.25
N ILE B 24 16.61 -1.56 -13.99
CA ILE B 24 17.19 -2.47 -14.96
C ILE B 24 17.83 -1.70 -16.11
N LYS B 25 17.15 -0.66 -16.63
CA LYS B 25 17.68 0.14 -17.74
C LYS B 25 16.94 1.47 -17.81
N GLY B 26 17.50 2.39 -18.59
CA GLY B 26 16.77 3.61 -18.88
C GLY B 26 16.60 4.50 -17.66
N ASN B 27 15.44 5.16 -17.60
CA ASN B 27 15.10 6.09 -16.53
C ASN B 27 14.91 5.32 -15.24
N PHE B 28 15.46 5.85 -14.15
CA PHE B 28 15.54 5.09 -12.91
C PHE B 28 14.18 4.88 -12.27
N HIS B 29 13.18 5.70 -12.60
CA HIS B 29 11.80 5.52 -12.17
C HIS B 29 10.90 5.24 -13.36
N ALA B 30 11.31 4.30 -14.21
CA ALA B 30 10.53 3.93 -15.38
C ALA B 30 10.59 2.42 -15.52
N VAL B 31 9.44 1.77 -15.56
CA VAL B 31 9.36 0.34 -15.81
C VAL B 31 8.75 0.21 -17.19
N TYR B 32 9.57 -0.18 -18.17
CA TYR B 32 9.11 -0.36 -19.53
C TYR B 32 8.36 -1.70 -19.64
N ARG B 33 7.62 -1.81 -20.74
CA ARG B 33 6.67 -2.89 -20.95
C ARG B 33 7.30 -4.24 -20.66
N ASP B 34 8.50 -4.49 -21.20
CA ASP B 34 9.18 -5.75 -20.94
C ASP B 34 9.54 -5.92 -19.46
N ASP B 35 10.05 -4.86 -18.81
CA ASP B 35 10.30 -4.97 -17.36
C ASP B 35 9.03 -5.29 -16.59
N LEU B 36 7.88 -4.80 -17.06
CA LEU B 36 6.64 -4.98 -16.30
C LEU B 36 6.19 -6.43 -16.35
N LYS B 37 6.45 -7.11 -17.47
CA LYS B 37 6.16 -8.54 -17.53
C LYS B 37 7.02 -9.30 -16.53
N LYS B 38 8.32 -8.97 -16.45
CA LYS B 38 9.16 -9.61 -15.45
C LYS B 38 8.65 -9.33 -14.04
N LEU B 39 8.19 -8.10 -13.78
CA LEU B 39 7.66 -7.77 -12.47
C LEU B 39 6.42 -8.59 -12.14
N LEU B 40 5.44 -8.60 -13.05
CA LEU B 40 4.21 -9.34 -12.81
C LEU B 40 4.50 -10.82 -12.59
N GLU B 41 5.27 -11.44 -13.49
CA GLU B 41 5.55 -12.87 -13.41
C GLU B 41 6.30 -13.24 -12.15
N THR B 42 7.17 -12.36 -11.64
CA THR B 42 7.97 -12.67 -10.46
C THR B 42 7.30 -12.27 -9.15
N GLU B 43 6.51 -11.19 -9.13
CA GLU B 43 6.05 -10.60 -7.87
C GLU B 43 4.56 -10.78 -7.62
N SER B 44 3.78 -11.18 -8.61
CA SER B 44 2.35 -11.19 -8.45
C SER B 44 1.80 -12.61 -8.57
N PRO B 45 0.65 -12.89 -7.97
CA PRO B 45 0.06 -14.23 -8.07
C PRO B 45 -0.65 -14.45 -9.40
N GLN B 46 -1.09 -15.70 -9.60
CA GLN B 46 -1.67 -16.09 -10.88
C GLN B 46 -2.91 -15.27 -11.21
N TYR B 47 -3.76 -15.03 -10.23
CA TYR B 47 -5.00 -14.29 -10.51
C TYR B 47 -4.76 -12.83 -10.85
N ILE B 48 -3.57 -12.31 -10.56
CA ILE B 48 -3.13 -11.03 -11.10
C ILE B 48 -2.52 -11.20 -12.49
N ARG B 49 -1.60 -12.16 -12.65
CA ARG B 49 -0.90 -12.31 -13.92
C ARG B 49 -1.84 -12.66 -15.06
N LYS B 50 -2.86 -13.47 -14.78
CA LYS B 50 -3.75 -13.95 -15.83
C LYS B 50 -4.36 -12.82 -16.64
N LYS B 51 -4.34 -11.59 -16.11
CA LYS B 51 -4.79 -10.44 -16.89
C LYS B 51 -3.94 -10.22 -18.14
N GLY B 52 -2.66 -10.62 -18.10
CA GLY B 52 -1.76 -10.37 -19.21
C GLY B 52 -0.93 -9.12 -18.96
N ALA B 53 0.39 -9.20 -19.17
CA ALA B 53 1.27 -8.08 -18.84
C ALA B 53 0.97 -6.84 -19.67
N ASP B 54 0.46 -7.01 -20.90
CA ASP B 54 0.18 -5.88 -21.77
C ASP B 54 -1.14 -5.19 -21.40
N VAL B 55 -2.13 -5.96 -20.97
CA VAL B 55 -3.36 -5.35 -20.46
C VAL B 55 -3.05 -4.58 -19.18
N TRP B 56 -2.15 -5.10 -18.35
CA TRP B 56 -1.77 -4.35 -17.17
C TRP B 56 -1.00 -3.09 -17.54
N PHE B 57 -0.10 -3.19 -18.53
CA PHE B 57 0.69 -2.04 -18.91
C PHE B 57 -0.21 -0.91 -19.42
N LYS B 58 -1.20 -1.25 -20.24
CA LYS B 58 -2.14 -0.24 -20.73
C LYS B 58 -2.93 0.38 -19.59
N GLU B 59 -3.29 -0.44 -18.61
CA GLU B 59 -4.01 0.11 -17.47
C GLU B 59 -3.13 1.05 -16.66
N LEU B 60 -1.87 0.68 -16.42
CA LEU B 60 -1.05 1.43 -15.47
C LEU B 60 -0.43 2.68 -16.08
N ASP B 61 -0.13 2.67 -17.38
CA ASP B 61 0.53 3.82 -18.01
C ASP B 61 -0.54 4.87 -18.32
N ILE B 62 -0.86 5.67 -17.30
CA ILE B 62 -1.99 6.60 -17.40
C ILE B 62 -1.67 7.77 -18.32
N ASN B 63 -0.41 8.17 -18.42
CA ASN B 63 -0.01 9.28 -19.30
C ASN B 63 0.49 8.79 -20.65
N THR B 64 0.40 7.49 -20.92
CA THR B 64 0.82 6.86 -22.17
C THR B 64 2.17 7.41 -22.67
N ASP B 65 3.15 7.44 -21.77
CA ASP B 65 4.53 7.74 -22.12
C ASP B 65 5.39 6.48 -22.30
N GLY B 66 4.79 5.29 -22.32
CA GLY B 66 5.56 4.08 -22.52
C GLY B 66 6.31 3.56 -21.31
N ALA B 67 6.00 4.05 -20.11
CA ALA B 67 6.65 3.60 -18.88
C ALA B 67 5.64 3.66 -17.73
N VAL B 68 5.87 2.81 -16.74
CA VAL B 68 5.18 2.85 -15.45
C VAL B 68 6.13 3.49 -14.45
N ASN B 69 5.78 4.70 -13.99
CA ASN B 69 6.59 5.35 -12.97
C ASN B 69 6.13 4.85 -11.60
N PHE B 70 6.66 5.41 -10.52
CA PHE B 70 6.37 4.85 -9.20
C PHE B 70 4.90 5.06 -8.83
N GLN B 71 4.35 6.25 -9.06
CA GLN B 71 2.95 6.47 -8.71
C GLN B 71 2.02 5.56 -9.54
N GLU B 72 2.37 5.30 -10.80
CA GLU B 72 1.57 4.36 -11.61
C GLU B 72 1.68 2.93 -11.07
N PHE B 73 2.87 2.52 -10.59
CA PHE B 73 3.06 1.22 -9.96
C PHE B 73 2.22 1.08 -8.69
N LEU B 74 2.02 2.19 -7.97
CA LEU B 74 1.17 2.16 -6.77
C LEU B 74 -0.28 1.83 -7.13
N ILE B 75 -0.72 2.15 -8.35
CA ILE B 75 -2.04 1.68 -8.77
C ILE B 75 -2.06 0.15 -8.75
N LEU B 76 -1.02 -0.48 -9.32
CA LEU B 76 -0.92 -1.94 -9.28
C LEU B 76 -0.93 -2.47 -7.85
N VAL B 77 -0.19 -1.81 -6.95
CA VAL B 77 -0.07 -2.28 -5.58
C VAL B 77 -1.41 -2.20 -4.88
N ILE B 78 -2.15 -1.13 -5.13
CA ILE B 78 -3.46 -0.95 -4.51
C ILE B 78 -4.43 -2.03 -4.97
N LYS B 79 -4.47 -2.29 -6.27
CA LYS B 79 -5.34 -3.31 -6.81
C LYS B 79 -4.96 -4.70 -6.30
N MET B 80 -3.66 -5.00 -6.21
CA MET B 80 -3.28 -6.29 -5.63
C MET B 80 -3.69 -6.39 -4.16
N GLY B 81 -3.57 -5.30 -3.40
CA GLY B 81 -3.95 -5.38 -2.00
C GLY B 81 -5.43 -5.62 -1.82
N VAL B 82 -6.25 -4.92 -2.60
CA VAL B 82 -7.70 -5.08 -2.51
C VAL B 82 -8.09 -6.49 -2.91
N ALA B 83 -7.45 -7.00 -3.97
CA ALA B 83 -7.73 -8.37 -4.40
C ALA B 83 -7.28 -9.37 -3.34
N ALA B 84 -6.07 -9.22 -2.80
CA ALA B 84 -5.58 -10.13 -1.76
C ALA B 84 -6.50 -10.13 -0.55
N HIS B 85 -7.06 -8.98 -0.19
CA HIS B 85 -7.95 -8.90 0.94
C HIS B 85 -9.25 -9.64 0.69
N LYS B 86 -9.86 -9.45 -0.48
CA LYS B 86 -11.08 -10.18 -0.80
C LYS B 86 -10.84 -11.68 -0.79
N LYS B 87 -9.73 -12.12 -1.39
CA LYS B 87 -9.43 -13.54 -1.38
C LYS B 87 -9.34 -14.08 0.04
N SER B 88 -8.85 -13.28 0.99
CA SER B 88 -8.74 -13.78 2.35
C SER B 88 -10.10 -14.04 2.99
N HIS B 89 -11.18 -13.58 2.39
CA HIS B 89 -12.55 -13.89 2.79
C HIS B 89 -13.20 -14.93 1.88
N GLU B 90 -12.41 -15.78 1.25
CA GLU B 90 -13.00 -16.93 0.58
C GLU B 90 -12.76 -18.20 1.39
N ARG C 1 1.76 -15.61 9.01
CA ARG C 1 0.45 -16.15 8.62
C ARG C 1 0.11 -15.73 7.20
N SER C 2 -0.45 -16.66 6.42
CA SER C 2 -0.97 -16.33 5.10
C SER C 2 -2.49 -16.24 5.14
N PRO C 3 -3.08 -15.03 5.21
CA PRO C 3 -4.52 -14.92 5.49
C PRO C 3 -5.39 -15.63 4.47
N GLU C 4 -5.93 -16.76 4.92
CA GLU C 4 -6.88 -17.56 4.18
C GLU C 4 -8.06 -17.82 5.10
N SER C 5 -9.27 -17.70 4.56
CA SER C 5 -10.51 -17.95 5.29
C SER C 5 -10.50 -17.34 6.69
N VAL C 6 -10.39 -16.01 6.73
CA VAL C 6 -10.41 -15.33 8.02
C VAL C 6 -11.76 -15.47 8.70
N ALA C 7 -12.78 -15.93 7.96
CA ALA C 7 -13.99 -16.51 8.56
C ALA C 7 -14.95 -15.50 9.18
N PHE C 8 -14.54 -14.26 9.40
CA PHE C 8 -15.58 -13.30 9.72
C PHE C 8 -15.98 -12.53 8.46
N PRO C 9 -17.17 -11.94 8.42
CA PRO C 9 -17.65 -11.34 7.17
C PRO C 9 -16.87 -10.10 6.72
N MET C 10 -16.64 -10.04 5.42
CA MET C 10 -16.00 -8.89 4.80
C MET C 10 -16.97 -7.71 4.68
N PHE C 11 -16.49 -6.51 4.98
CA PHE C 11 -17.30 -5.33 4.77
C PHE C 11 -17.46 -5.07 3.28
N GLN C 12 -18.70 -4.82 2.84
CA GLN C 12 -18.97 -4.71 1.42
C GLN C 12 -19.78 -3.49 0.98
N SER C 13 -20.13 -2.58 1.88
CA SER C 13 -20.98 -1.45 1.50
C SER C 13 -20.12 -0.23 1.10
N HIS C 14 -19.45 -0.40 -0.03
CA HIS C 14 -18.47 0.59 -0.51
C HIS C 14 -19.19 1.70 -1.31
N TRP C 15 -20.02 2.44 -0.60
CA TRP C 15 -20.83 3.48 -1.24
C TRP C 15 -21.40 4.35 -0.14
N TYR C 16 -21.93 5.49 -0.55
CA TYR C 16 -22.42 6.50 0.37
C TYR C 16 -23.88 6.20 0.70
N SER C 17 -24.22 6.19 2.00
CA SER C 17 -25.61 6.00 2.40
C SER C 17 -26.05 7.05 3.42
N GLY C 18 -25.38 8.20 3.45
CA GLY C 18 -25.68 9.23 4.43
C GLY C 18 -26.77 10.18 3.97
CA CA D . -15.80 4.14 5.50
CA CA E . -13.60 -3.09 13.99
NI NI F . 13.86 6.06 -6.31
C1 PGE G . -1.30 7.54 -3.43
O1 PGE G . -1.80 6.99 -4.65
C2 PGE G . 0.02 8.24 -3.67
O2 PGE G . -0.20 9.60 -4.03
C3 PGE G . 0.70 10.08 -5.02
C4 PGE G . 0.12 11.33 -5.66
O4 PGE G . 0.10 11.96 -9.74
C6 PGE G . 0.96 12.75 -8.91
C5 PGE G . 0.43 12.79 -7.49
O3 PGE G . 0.98 11.73 -6.72
C1 GOL H . 10.54 10.67 -6.56
O1 GOL H . 10.96 12.00 -6.58
C2 GOL H . 9.88 10.29 -7.94
O2 GOL H . 9.13 9.07 -7.86
C3 GOL H . 9.01 11.51 -8.37
O3 GOL H . 7.85 11.50 -7.55
CA CA I . 3.63 6.40 -17.54
NA NA J . 13.90 2.00 -15.83
K K K . -10.83 -8.58 5.96
C1 EDO L . -1.74 7.34 -8.63
O1 EDO L . -2.24 6.82 -7.39
C2 EDO L . -2.57 8.55 -9.03
O2 EDO L . -1.82 9.35 -9.95
C02 F3U M . 9.78 -18.97 8.52
C03 F3U M . 10.37 -17.82 8.02
C04 F3U M . 9.59 -16.63 7.89
C06 F3U M . 9.51 -14.30 7.33
C07 F3U M . 10.18 -13.13 6.88
C08 F3U M . 9.51 -11.92 6.81
C10 F3U M . 8.17 -11.84 7.17
C11 F3U M . 7.51 -12.99 7.61
C12 F3U M . 8.17 -14.23 7.69
C13 F3U M . 7.50 -15.40 8.15
C14 F3U M . 6.32 -15.29 8.92
C15 F3U M . 6.24 -14.60 10.15
C16 F3U M . 7.41 -13.86 10.79
C19 F3U M . 5.03 -14.56 10.85
C20 F3U M . 3.89 -15.19 10.35
C21 F3U M . 3.97 -15.87 9.15
C22 F3U M . 2.73 -16.57 8.59
C24 F3U M . 5.17 -15.91 8.44
C25 F3U M . 8.26 -16.61 8.27
C26 F3U M . 7.69 -17.81 8.78
C27 F3U M . 8.44 -18.97 8.90
O01 F3U M . 10.41 -19.97 8.63
O05 F3U M . 10.19 -15.50 7.39
O09 F3U M . 10.17 -10.76 6.37
O17 F3U M . 8.55 -14.40 10.88
O18 F3U M . 7.22 -12.70 11.26
O23 F3U M . 2.79 -17.69 8.23
N NH2 N . -26.82 11.36 4.57
#